data_3UX3
#
_entry.id   3UX3
#
_cell.length_a   49.179
_cell.length_b   52.246
_cell.length_c   65.893
_cell.angle_alpha   90.000
_cell.angle_beta   104.560
_cell.angle_gamma   90.000
#
_symmetry.space_group_name_H-M   'P 1 21 1'
#
loop_
_entity.id
_entity.type
_entity.pdbx_description
1 polymer 'MIP18 family protein FAM96A'
2 non-polymer 'ZINC ION'
3 non-polymer 'ACETATE ION'
4 water water
#
_entity_poly.entity_id   1
_entity_poly.type   'polypeptide(L)'
_entity_poly.pdbx_seq_one_letter_code
;SNARIMEEKALEVYDLIRTIRDPEKPNTLEELEVVSESCVEVQEINEEEYLVIIRFTPTVPHCSLATLIGLCLRVKLQRC
LPFKHKLEIYISEGTHSTEEDINKQINDKERVAAAMENPNLREIVEQCVL
;
_entity_poly.pdbx_strand_id   A,B
#
# COMPACT_ATOMS: atom_id res chain seq x y z
N SER A 1 4.31 39.98 9.89
CA SER A 1 3.40 39.95 8.71
C SER A 1 3.20 38.50 8.31
N ASN A 2 2.01 37.97 8.54
CA ASN A 2 1.70 36.58 8.21
C ASN A 2 2.30 36.13 6.88
N ALA A 3 1.83 36.69 5.78
CA ALA A 3 2.29 36.27 4.45
C ALA A 3 3.80 35.97 4.38
N ARG A 4 4.62 36.95 4.74
CA ARG A 4 6.07 36.84 4.63
C ARG A 4 6.75 35.88 5.65
N ILE A 5 6.18 35.77 6.83
CA ILE A 5 6.68 34.75 7.74
C ILE A 5 6.39 33.39 7.11
N MET A 6 5.27 33.28 6.39
CA MET A 6 4.95 32.01 5.72
C MET A 6 6.00 31.68 4.63
N GLU A 7 6.54 32.71 3.97
CA GLU A 7 7.51 32.46 2.93
C GLU A 7 8.81 32.01 3.57
N GLU A 8 9.21 32.61 4.61
CA GLU A 8 10.41 32.15 5.32
CA GLU A 8 10.41 32.20 5.44
C GLU A 8 10.26 30.69 5.76
N LYS A 9 9.12 30.36 6.34
CA LYS A 9 8.86 28.95 6.77
C LYS A 9 8.94 28.00 5.59
N ALA A 10 8.44 28.42 4.44
CA ALA A 10 8.41 27.53 3.26
C ALA A 10 9.84 27.34 2.74
N LEU A 11 10.70 28.34 2.88
CA LEU A 11 12.11 28.18 2.56
C LEU A 11 12.84 27.26 3.52
N GLU A 12 12.55 27.34 4.81
CA GLU A 12 13.10 26.38 5.80
C GLU A 12 12.66 24.95 5.50
N VAL A 13 11.39 24.76 5.15
CA VAL A 13 10.88 23.41 4.83
C VAL A 13 11.64 22.93 3.63
N TYR A 14 11.78 23.79 2.63
CA TYR A 14 12.34 23.37 1.38
C TYR A 14 13.77 22.97 1.58
N ASP A 15 14.48 23.73 2.40
CA ASP A 15 15.88 23.50 2.56
C ASP A 15 16.09 22.10 3.16
N LEU A 16 15.16 21.65 3.96
CA LEU A 16 15.25 20.33 4.60
C LEU A 16 14.89 19.21 3.60
N ILE A 17 13.83 19.39 2.82
CA ILE A 17 13.36 18.25 2.00
C ILE A 17 14.17 18.08 0.72
N ARG A 18 14.84 19.14 0.25
CA ARG A 18 15.52 19.08 -1.04
C ARG A 18 16.68 18.05 -1.02
N THR A 19 17.24 17.77 0.16
CA THR A 19 18.41 16.88 0.28
C THR A 19 18.01 15.43 0.59
N ILE A 20 16.72 15.17 0.65
CA ILE A 20 16.25 13.82 0.90
C ILE A 20 16.67 12.94 -0.31
N ARG A 21 17.18 11.75 -0.04
CA ARG A 21 17.57 10.84 -1.12
C ARG A 21 16.31 10.20 -1.69
N ASP A 22 16.24 10.09 -3.00
CA ASP A 22 15.19 9.32 -3.63
C ASP A 22 15.22 7.84 -3.16
N PRO A 23 14.06 7.16 -3.12
CA PRO A 23 14.00 5.76 -2.66
C PRO A 23 14.62 4.81 -3.66
N GLU A 24 14.65 5.18 -4.93
CA GLU A 24 15.11 4.24 -5.94
CA GLU A 24 15.11 4.24 -5.95
C GLU A 24 16.40 4.70 -6.65
N LYS A 25 16.59 6.00 -6.78
CA LYS A 25 17.72 6.49 -7.55
C LYS A 25 18.78 7.14 -6.67
N PRO A 26 20.06 7.17 -7.12
CA PRO A 26 21.17 7.66 -6.30
C PRO A 26 21.30 9.17 -6.38
N ASN A 27 20.19 9.87 -6.11
CA ASN A 27 20.12 11.33 -6.21
C ASN A 27 19.10 11.89 -5.20
N THR A 28 19.17 13.19 -4.97
CA THR A 28 18.24 13.85 -4.09
C THR A 28 16.96 14.22 -4.86
N LEU A 29 15.91 14.44 -4.09
CA LEU A 29 14.64 14.80 -4.67
C LEU A 29 14.75 16.05 -5.47
N GLU A 30 15.56 16.99 -4.97
CA GLU A 30 15.75 18.24 -5.72
C GLU A 30 16.50 17.98 -7.04
N GLU A 31 17.60 17.22 -7.02
CA GLU A 31 18.32 16.90 -8.29
C GLU A 31 17.33 16.29 -9.32
N LEU A 32 16.47 15.37 -8.86
CA LEU A 32 15.55 14.70 -9.80
C LEU A 32 14.32 15.56 -10.12
N GLU A 33 14.22 16.73 -9.51
CA GLU A 33 13.07 17.63 -9.66
C GLU A 33 11.73 17.03 -9.22
N VAL A 34 11.82 16.09 -8.28
CA VAL A 34 10.62 15.61 -7.62
C VAL A 34 9.98 16.72 -6.76
N VAL A 35 10.82 17.60 -6.20
CA VAL A 35 10.33 18.78 -5.51
C VAL A 35 11.11 20.00 -6.01
N SER A 36 10.55 21.17 -5.76
CA SER A 36 11.24 22.45 -5.98
C SER A 36 10.75 23.51 -5.01
N GLU A 37 11.49 24.61 -4.92
CA GLU A 37 11.13 25.64 -3.98
C GLU A 37 9.64 26.02 -3.99
N SER A 38 9.05 26.18 -5.18
CA SER A 38 7.65 26.64 -5.23
C SER A 38 6.61 25.55 -4.90
N CYS A 39 7.08 24.32 -4.63
CA CYS A 39 6.16 23.23 -4.33
CA CYS A 39 6.18 23.21 -4.32
C CYS A 39 5.76 23.20 -2.86
N VAL A 40 6.33 24.13 -2.07
CA VAL A 40 6.09 24.19 -0.66
C VAL A 40 5.22 25.43 -0.32
N GLU A 41 4.21 25.20 0.49
CA GLU A 41 3.41 26.29 0.97
C GLU A 41 3.19 26.08 2.45
N VAL A 42 3.24 27.18 3.21
CA VAL A 42 3.00 27.09 4.65
C VAL A 42 1.88 28.07 5.03
N GLN A 43 0.96 27.61 5.87
CA GLN A 43 -0.22 28.41 6.27
C GLN A 43 -0.35 28.41 7.77
N GLU A 44 -0.94 29.47 8.32
CA GLU A 44 -1.17 29.51 9.76
C GLU A 44 -2.49 28.81 10.12
N ILE A 45 -2.41 27.84 11.03
CA ILE A 45 -3.61 27.19 11.57
C ILE A 45 -4.00 27.98 12.81
N ASN A 46 -2.96 28.56 13.44
CA ASN A 46 -3.08 29.43 14.61
C ASN A 46 -1.65 29.67 15.13
N GLU A 47 -1.46 30.56 16.10
CA GLU A 47 -0.10 30.81 16.60
C GLU A 47 0.53 29.51 17.09
N GLU A 48 1.84 29.36 16.87
CA GLU A 48 2.55 28.12 17.22
C GLU A 48 1.99 26.83 16.59
N GLU A 49 1.43 26.90 15.37
CA GLU A 49 0.89 25.71 14.69
C GLU A 49 0.58 26.00 13.22
N TYR A 50 1.42 25.46 12.32
CA TYR A 50 1.32 25.77 10.89
C TYR A 50 1.04 24.50 10.08
N LEU A 51 0.22 24.66 9.06
CA LEU A 51 -0.01 23.65 8.03
C LEU A 51 1.07 23.79 6.95
N VAL A 52 1.79 22.70 6.68
CA VAL A 52 2.80 22.63 5.62
C VAL A 52 2.21 21.74 4.51
N ILE A 53 2.21 22.23 3.28
CA ILE A 53 1.68 21.52 2.13
C ILE A 53 2.80 21.39 1.13
N ILE A 54 3.07 20.12 0.74
CA ILE A 54 4.12 19.88 -0.21
C ILE A 54 3.53 19.15 -1.41
N ARG A 55 3.74 19.69 -2.61
CA ARG A 55 3.33 18.97 -3.85
C ARG A 55 4.59 18.35 -4.41
N PHE A 56 4.53 17.12 -4.93
CA PHE A 56 5.71 16.59 -5.51
C PHE A 56 5.30 15.73 -6.70
N THR A 57 6.29 15.40 -7.51
CA THR A 57 6.06 14.51 -8.66
C THR A 57 7.16 13.46 -8.74
N PRO A 58 6.83 12.19 -8.47
CA PRO A 58 7.89 11.17 -8.53
C PRO A 58 8.44 11.03 -9.99
N THR A 59 9.62 10.45 -10.18
CA THR A 59 10.25 10.37 -11.50
C THR A 59 9.36 9.54 -12.40
N VAL A 60 8.68 8.55 -11.83
CA VAL A 60 7.65 7.78 -12.55
C VAL A 60 6.41 7.55 -11.66
N PRO A 61 5.22 7.45 -12.26
CA PRO A 61 4.03 7.46 -11.42
C PRO A 61 3.74 6.06 -10.85
N HIS A 62 4.61 5.59 -9.97
CA HIS A 62 4.36 4.29 -9.34
C HIS A 62 3.98 4.45 -7.90
N CYS A 63 3.05 3.61 -7.46
CA CYS A 63 2.51 3.78 -6.12
C CYS A 63 3.61 3.68 -5.04
N SER A 64 4.49 2.67 -5.11
CA SER A 64 5.44 2.47 -3.99
C SER A 64 6.41 3.64 -3.88
N LEU A 65 6.78 4.15 -5.03
CA LEU A 65 7.66 5.30 -5.06
C LEU A 65 6.98 6.54 -4.44
N ALA A 66 5.71 6.75 -4.74
CA ALA A 66 4.98 7.87 -4.17
C ALA A 66 4.78 7.68 -2.68
N THR A 67 4.50 6.45 -2.26
CA THR A 67 4.31 6.20 -0.86
C THR A 67 5.60 6.50 -0.09
N LEU A 68 6.72 6.06 -0.63
CA LEU A 68 7.98 6.14 0.13
C LEU A 68 8.42 7.60 0.19
N ILE A 69 8.20 8.35 -0.88
CA ILE A 69 8.65 9.74 -0.87
C ILE A 69 7.85 10.47 0.19
N GLY A 70 6.54 10.17 0.19
CA GLY A 70 5.66 10.76 1.19
C GLY A 70 6.13 10.48 2.61
N LEU A 71 6.47 9.21 2.89
CA LEU A 71 7.00 8.88 4.22
C LEU A 71 8.27 9.66 4.56
N CYS A 72 9.19 9.78 3.60
CA CYS A 72 10.44 10.45 3.87
C CYS A 72 10.22 11.93 4.19
N LEU A 73 9.34 12.57 3.40
CA LEU A 73 9.04 13.98 3.71
C LEU A 73 8.52 14.13 5.14
N ARG A 74 7.59 13.25 5.54
CA ARG A 74 7.01 13.32 6.86
CA ARG A 74 7.01 13.25 6.88
C ARG A 74 8.05 13.10 7.96
N VAL A 75 8.85 12.05 7.83
CA VAL A 75 9.87 11.80 8.83
C VAL A 75 10.89 12.90 8.89
N LYS A 76 11.36 13.35 7.73
CA LYS A 76 12.36 14.44 7.71
C LYS A 76 11.87 15.62 8.52
N LEU A 77 10.69 16.12 8.21
CA LEU A 77 10.21 17.31 8.85
C LEU A 77 9.85 17.04 10.33
N GLN A 78 9.31 15.87 10.62
CA GLN A 78 9.13 15.50 12.03
C GLN A 78 10.43 15.66 12.78
N ARG A 79 11.52 15.16 12.22
CA ARG A 79 12.80 15.16 12.91
C ARG A 79 13.51 16.52 12.91
N CYS A 80 13.30 17.35 11.90
CA CYS A 80 14.15 18.55 11.74
C CYS A 80 13.44 19.89 11.76
N LEU A 81 12.13 19.91 11.52
CA LEU A 81 11.46 21.18 11.42
C LEU A 81 11.24 21.75 12.83
N PRO A 82 11.80 22.94 13.08
CA PRO A 82 11.76 23.50 14.44
C PRO A 82 10.51 24.31 14.74
N PHE A 83 9.36 23.94 14.18
CA PHE A 83 8.07 24.46 14.61
C PHE A 83 6.95 23.41 14.53
N LYS A 84 5.97 23.47 15.44
CA LYS A 84 4.84 22.53 15.41
C LYS A 84 4.07 22.67 14.12
N HIS A 85 3.80 21.53 13.48
CA HIS A 85 3.16 21.54 12.15
C HIS A 85 2.28 20.33 11.86
N LYS A 86 1.28 20.53 10.99
CA LYS A 86 0.57 19.44 10.36
C LYS A 86 1.11 19.41 8.92
N LEU A 87 1.22 18.23 8.31
CA LEU A 87 1.72 18.12 6.93
C LEU A 87 0.68 17.56 6.02
N GLU A 88 0.38 18.24 4.91
CA GLU A 88 -0.35 17.58 3.81
C GLU A 88 0.56 17.45 2.59
N ILE A 89 0.50 16.30 1.91
CA ILE A 89 1.29 16.06 0.71
CA ILE A 89 1.26 16.17 0.68
C ILE A 89 0.38 15.77 -0.48
N TYR A 90 0.76 16.22 -1.64
CA TYR A 90 -0.09 15.93 -2.77
C TYR A 90 0.73 15.60 -3.97
N ILE A 91 0.33 14.55 -4.65
CA ILE A 91 0.93 14.20 -5.90
C ILE A 91 -0.08 14.62 -6.97
N SER A 92 0.34 15.04 -8.15
CA SER A 92 -0.64 15.60 -9.07
C SER A 92 -0.93 14.67 -10.25
N GLU A 93 -1.01 13.37 -9.98
CA GLU A 93 -1.37 12.42 -11.02
C GLU A 93 -1.70 11.15 -10.26
N GLY A 94 -2.40 10.22 -10.90
CA GLY A 94 -2.59 8.91 -10.31
C GLY A 94 -1.33 8.11 -10.50
N THR A 95 -1.31 6.91 -9.93
CA THR A 95 -0.13 6.10 -9.97
C THR A 95 -0.54 4.66 -10.29
N HIS A 96 0.44 3.83 -10.58
CA HIS A 96 0.15 2.44 -10.85
C HIS A 96 1.23 1.51 -10.34
N SER A 97 0.88 0.22 -10.27
CA SER A 97 1.79 -0.83 -9.85
C SER A 97 1.74 -1.88 -10.91
N THR A 98 2.89 -2.20 -11.51
CA THR A 98 2.91 -3.23 -12.56
C THR A 98 2.39 -4.57 -12.01
N GLU A 99 2.09 -5.52 -12.91
CA GLU A 99 1.65 -6.82 -12.43
C GLU A 99 2.72 -7.47 -11.53
N GLU A 100 3.96 -7.41 -11.98
CA GLU A 100 5.07 -7.85 -11.13
C GLU A 100 5.12 -7.24 -9.75
N ASP A 101 4.95 -5.91 -9.67
CA ASP A 101 5.12 -5.24 -8.37
CA ASP A 101 5.06 -5.14 -8.42
C ASP A 101 3.93 -5.48 -7.46
N ILE A 102 2.72 -5.58 -8.02
CA ILE A 102 1.52 -5.78 -7.18
C ILE A 102 1.51 -7.21 -6.64
N ASN A 103 1.95 -8.18 -7.47
CA ASN A 103 2.14 -9.52 -6.94
C ASN A 103 3.19 -9.67 -5.84
N LYS A 104 4.28 -8.92 -5.92
CA LYS A 104 5.26 -8.95 -4.85
C LYS A 104 4.58 -8.50 -3.58
N GLN A 105 3.82 -7.42 -3.72
CA GLN A 105 3.16 -6.76 -2.59
C GLN A 105 2.17 -7.63 -1.91
N ILE A 106 1.32 -8.32 -2.69
CA ILE A 106 0.25 -9.03 -2.04
C ILE A 106 0.78 -10.34 -1.45
N ASN A 107 2.04 -10.65 -1.68
CA ASN A 107 2.59 -11.89 -1.12
C ASN A 107 3.66 -11.60 -0.05
N ASP A 108 4.08 -10.34 0.04
CA ASP A 108 5.15 -10.00 0.95
C ASP A 108 4.71 -9.99 2.42
N LYS A 109 5.46 -10.70 3.27
CA LYS A 109 5.11 -10.90 4.68
C LYS A 109 4.83 -9.60 5.45
N GLU A 110 5.72 -8.62 5.32
CA GLU A 110 5.57 -7.40 6.13
C GLU A 110 4.43 -6.53 5.63
N ARG A 111 4.28 -6.50 4.31
CA ARG A 111 3.16 -5.75 3.74
C ARG A 111 1.82 -6.32 4.20
N VAL A 112 1.68 -7.65 4.14
CA VAL A 112 0.48 -8.27 4.66
C VAL A 112 0.28 -7.97 6.15
N ALA A 113 1.33 -8.15 6.96
CA ALA A 113 1.25 -7.84 8.39
C ALA A 113 0.75 -6.42 8.70
N ALA A 114 1.34 -5.44 8.02
CA ALA A 114 1.03 -4.03 8.23
C ALA A 114 -0.39 -3.75 7.83
N ALA A 115 -0.84 -4.35 6.71
CA ALA A 115 -2.20 -4.10 6.24
C ALA A 115 -3.18 -4.67 7.25
N MET A 116 -2.87 -5.86 7.76
CA MET A 116 -3.78 -6.52 8.73
C MET A 116 -3.96 -5.69 10.02
N GLU A 117 -2.94 -4.92 10.33
CA GLU A 117 -2.94 -4.09 11.54
C GLU A 117 -3.59 -2.72 11.33
N ASN A 118 -3.94 -2.41 10.08
CA ASN A 118 -4.63 -1.18 9.80
C ASN A 118 -6.10 -1.42 10.09
N PRO A 119 -6.65 -0.67 11.07
CA PRO A 119 -7.98 -0.89 11.66
C PRO A 119 -9.08 -0.78 10.62
N ASN A 120 -8.95 0.14 9.66
CA ASN A 120 -9.95 0.27 8.61
C ASN A 120 -10.00 -1.02 7.75
N LEU A 121 -8.83 -1.52 7.35
CA LEU A 121 -8.74 -2.71 6.47
C LEU A 121 -9.18 -3.97 7.25
N ARG A 122 -8.74 -4.11 8.51
CA ARG A 122 -9.10 -5.32 9.28
C ARG A 122 -10.58 -5.41 9.51
N GLU A 123 -11.26 -4.30 9.73
CA GLU A 123 -12.71 -4.34 9.90
C GLU A 123 -13.45 -4.72 8.60
N ILE A 124 -12.91 -4.29 7.47
CA ILE A 124 -13.51 -4.65 6.20
C ILE A 124 -13.34 -6.16 5.98
N VAL A 125 -12.14 -6.65 6.28
CA VAL A 125 -11.82 -8.04 6.04
C VAL A 125 -12.75 -8.90 6.92
N GLU A 126 -12.85 -8.50 8.18
N GLU A 126 -12.85 -8.52 8.19
CA GLU A 126 -13.69 -9.24 9.11
CA GLU A 126 -13.73 -9.24 9.11
C GLU A 126 -15.11 -9.39 8.53
C GLU A 126 -15.10 -9.41 8.48
N GLN A 127 -15.67 -8.31 8.00
CA GLN A 127 -17.01 -8.34 7.39
C GLN A 127 -17.04 -9.23 6.14
N CYS A 128 -15.95 -9.29 5.38
CA CYS A 128 -15.96 -10.04 4.11
C CYS A 128 -15.86 -11.56 4.29
N VAL A 129 -15.17 -12.00 5.33
CA VAL A 129 -14.98 -13.42 5.57
C VAL A 129 -15.87 -13.97 6.69
N LEU A 130 -16.92 -13.27 7.11
CA LEU A 130 -17.65 -13.68 8.32
C LEU A 130 -18.42 -14.96 8.10
N SER B 1 -3.04 -41.67 -6.27
CA SER B 1 -2.44 -40.65 -7.19
C SER B 1 -2.32 -39.30 -6.51
N ASN B 2 -1.12 -38.73 -6.56
CA ASN B 2 -0.91 -37.37 -6.08
C ASN B 2 -1.88 -36.42 -6.79
N ALA B 3 -1.91 -36.46 -8.11
CA ALA B 3 -2.70 -35.54 -8.91
C ALA B 3 -4.20 -35.43 -8.53
N ARG B 4 -4.83 -36.55 -8.18
CA ARG B 4 -6.26 -36.53 -7.89
C ARG B 4 -6.48 -36.03 -6.48
N ILE B 5 -5.54 -36.31 -5.61
CA ILE B 5 -5.65 -35.81 -4.26
C ILE B 5 -5.49 -34.26 -4.35
N MET B 6 -4.65 -33.80 -5.25
CA MET B 6 -4.42 -32.35 -5.36
C MET B 6 -5.71 -31.70 -5.91
N GLU B 7 -6.45 -32.43 -6.75
CA GLU B 7 -7.71 -31.88 -7.28
C GLU B 7 -8.79 -31.81 -6.17
N GLU B 8 -8.83 -32.83 -5.30
CA GLU B 8 -9.72 -32.81 -4.13
C GLU B 8 -9.40 -31.59 -3.25
N LYS B 9 -8.13 -31.37 -2.96
CA LYS B 9 -7.71 -30.20 -2.10
C LYS B 9 -8.09 -28.88 -2.76
N ALA B 10 -7.94 -28.80 -4.06
CA ALA B 10 -8.31 -27.56 -4.76
C ALA B 10 -9.80 -27.28 -4.67
N LEU B 11 -10.64 -28.33 -4.70
CA LEU B 11 -12.07 -28.13 -4.53
C LEU B 11 -12.39 -27.68 -3.11
N GLU B 12 -11.64 -28.19 -2.12
CA GLU B 12 -11.88 -27.79 -0.74
C GLU B 12 -11.54 -26.30 -0.58
N VAL B 13 -10.41 -25.92 -1.15
CA VAL B 13 -9.95 -24.52 -1.07
C VAL B 13 -11.01 -23.67 -1.73
N TYR B 14 -11.51 -24.11 -2.89
CA TYR B 14 -12.44 -23.26 -3.61
C TYR B 14 -13.75 -23.10 -2.85
N ASP B 15 -14.22 -24.17 -2.22
CA ASP B 15 -15.48 -24.13 -1.49
C ASP B 15 -15.38 -23.06 -0.37
N LEU B 16 -14.21 -22.87 0.18
CA LEU B 16 -14.05 -21.84 1.20
C LEU B 16 -13.91 -20.43 0.66
N ILE B 17 -13.36 -20.23 -0.53
CA ILE B 17 -13.10 -18.83 -0.94
C ILE B 17 -14.26 -18.24 -1.72
N ARG B 18 -15.11 -19.10 -2.27
CA ARG B 18 -16.14 -18.64 -3.22
C ARG B 18 -17.16 -17.70 -2.58
N THR B 19 -17.42 -17.88 -1.30
CA THR B 19 -18.48 -17.13 -0.64
C THR B 19 -17.94 -15.93 0.14
N ILE B 20 -16.63 -15.69 0.06
CA ILE B 20 -16.09 -14.43 0.58
C ILE B 20 -16.78 -13.28 -0.14
N ARG B 21 -17.21 -12.28 0.63
CA ARG B 21 -17.83 -11.08 0.04
C ARG B 21 -16.77 -10.16 -0.58
N ASP B 22 -17.08 -9.54 -1.71
CA ASP B 22 -16.25 -8.49 -2.30
C ASP B 22 -16.09 -7.29 -1.36
N PRO B 23 -14.89 -6.68 -1.36
CA PRO B 23 -14.66 -5.56 -0.46
C PRO B 23 -15.57 -4.40 -0.81
N GLU B 24 -16.11 -4.36 -2.02
CA GLU B 24 -16.81 -3.16 -2.50
C GLU B 24 -18.30 -3.34 -2.75
N LYS B 25 -18.65 -4.50 -3.30
CA LYS B 25 -20.02 -4.74 -3.67
C LYS B 25 -20.59 -5.78 -2.74
N PRO B 26 -21.92 -5.81 -2.64
CA PRO B 26 -22.63 -6.78 -1.81
C PRO B 26 -22.88 -8.07 -2.59
N ASN B 27 -21.81 -8.67 -3.08
CA ASN B 27 -21.88 -9.95 -3.79
C ASN B 27 -20.66 -10.78 -3.40
N THR B 28 -20.66 -12.06 -3.70
CA THR B 28 -19.51 -12.92 -3.33
C THR B 28 -18.45 -12.82 -4.41
N LEU B 29 -17.23 -13.18 -4.05
CA LEU B 29 -16.15 -13.29 -5.02
C LEU B 29 -16.56 -14.16 -6.21
N GLU B 30 -17.21 -15.30 -5.93
CA GLU B 30 -17.69 -16.17 -6.99
C GLU B 30 -18.70 -15.50 -7.90
N GLU B 31 -19.69 -14.84 -7.32
CA GLU B 31 -20.71 -14.08 -8.08
C GLU B 31 -20.15 -13.05 -9.03
N LEU B 32 -19.09 -12.35 -8.58
CA LEU B 32 -18.49 -11.33 -9.40
C LEU B 32 -17.40 -11.92 -10.30
N GLU B 33 -17.24 -13.23 -10.29
CA GLU B 33 -16.20 -13.89 -11.07
C GLU B 33 -14.77 -13.37 -10.75
N VAL B 34 -14.56 -12.99 -9.49
CA VAL B 34 -13.19 -12.66 -9.02
C VAL B 34 -12.38 -13.94 -8.86
N VAL B 35 -13.08 -15.01 -8.47
CA VAL B 35 -12.51 -16.33 -8.41
C VAL B 35 -13.42 -17.31 -9.16
N SER B 36 -12.87 -18.43 -9.55
CA SER B 36 -13.70 -19.58 -10.03
C SER B 36 -12.94 -20.87 -9.73
N GLU B 37 -13.58 -22.00 -9.88
CA GLU B 37 -12.97 -23.25 -9.49
C GLU B 37 -11.58 -23.47 -10.09
N SER B 38 -11.43 -23.10 -11.35
CA SER B 38 -10.21 -23.30 -12.12
C SER B 38 -9.08 -22.36 -11.70
N CYS B 39 -9.38 -21.40 -10.85
CA CYS B 39 -8.35 -20.46 -10.41
CA CYS B 39 -8.37 -20.45 -10.38
C CYS B 39 -7.52 -21.00 -9.23
N VAL B 40 -7.82 -22.19 -8.75
CA VAL B 40 -7.08 -22.76 -7.66
C VAL B 40 -6.17 -23.89 -8.07
N GLU B 41 -4.97 -23.91 -7.55
CA GLU B 41 -4.13 -25.11 -7.70
C GLU B 41 -3.47 -25.49 -6.36
N VAL B 42 -3.40 -26.79 -6.08
CA VAL B 42 -2.75 -27.25 -4.86
C VAL B 42 -1.58 -28.17 -5.19
N GLN B 43 -0.48 -27.99 -4.45
CA GLN B 43 0.73 -28.78 -4.67
C GLN B 43 1.25 -29.30 -3.32
N GLU B 44 1.95 -30.44 -3.36
CA GLU B 44 2.53 -31.00 -2.15
C GLU B 44 3.92 -30.41 -1.99
N ILE B 45 4.23 -29.89 -0.79
CA ILE B 45 5.59 -29.49 -0.46
C ILE B 45 6.32 -30.70 0.13
N ASN B 46 5.67 -31.31 1.13
CA ASN B 46 6.08 -32.56 1.75
C ASN B 46 4.88 -33.01 2.57
N GLU B 47 4.71 -34.32 2.73
CA GLU B 47 3.61 -34.82 3.55
C GLU B 47 3.29 -33.89 4.71
N GLU B 48 2.02 -33.51 4.83
CA GLU B 48 1.57 -32.63 5.93
C GLU B 48 1.71 -31.13 5.64
N GLU B 49 2.20 -30.77 4.46
CA GLU B 49 2.38 -29.36 4.09
C GLU B 49 2.09 -29.14 2.60
N TYR B 50 1.02 -28.42 2.30
CA TYR B 50 0.66 -28.18 0.90
C TYR B 50 0.79 -26.70 0.57
N LEU B 51 1.23 -26.43 -0.66
CA LEU B 51 1.15 -25.05 -1.22
C LEU B 51 -0.14 -24.83 -2.04
N VAL B 52 -0.88 -23.78 -1.67
CA VAL B 52 -2.16 -23.45 -2.32
C VAL B 52 -1.88 -22.19 -3.17
N ILE B 53 -2.32 -22.20 -4.42
CA ILE B 53 -2.05 -21.10 -5.34
C ILE B 53 -3.36 -20.59 -5.90
N ILE B 54 -3.65 -19.29 -5.73
CA ILE B 54 -4.95 -18.79 -6.12
C ILE B 54 -4.75 -17.63 -7.05
N ARG B 55 -5.40 -17.69 -8.21
CA ARG B 55 -5.37 -16.58 -9.16
C ARG B 55 -6.70 -15.87 -9.06
N PHE B 56 -6.70 -14.53 -9.09
CA PHE B 56 -7.97 -13.88 -8.96
C PHE B 56 -7.95 -12.60 -9.79
N THR B 57 -9.12 -12.05 -10.05
CA THR B 57 -9.18 -10.82 -10.87
C THR B 57 -10.19 -9.92 -10.21
N PRO B 58 -9.75 -8.80 -9.64
CA PRO B 58 -10.73 -7.95 -9.00
C PRO B 58 -11.67 -7.33 -10.04
N THR B 59 -12.80 -6.79 -9.60
CA THR B 59 -13.81 -6.30 -10.56
C THR B 59 -13.26 -5.13 -11.35
N VAL B 60 -12.45 -4.28 -10.72
CA VAL B 60 -11.68 -3.27 -11.45
C VAL B 60 -10.23 -3.31 -10.93
N PRO B 61 -9.25 -2.90 -11.76
CA PRO B 61 -7.83 -3.15 -11.43
C PRO B 61 -7.29 -2.08 -10.47
N HIS B 62 -7.84 -2.01 -9.26
CA HIS B 62 -7.42 -0.98 -8.28
C HIS B 62 -6.58 -1.62 -7.16
N CYS B 63 -5.52 -0.94 -6.74
CA CYS B 63 -4.56 -1.57 -5.82
C CYS B 63 -5.18 -1.95 -4.49
N SER B 64 -5.98 -1.05 -3.93
CA SER B 64 -6.55 -1.29 -2.60
C SER B 64 -7.49 -2.51 -2.61
N LEU B 65 -8.25 -2.67 -3.69
CA LEU B 65 -9.07 -3.86 -3.89
C LEU B 65 -8.24 -5.17 -3.93
N ALA B 66 -7.17 -5.15 -4.73
CA ALA B 66 -6.32 -6.30 -4.85
C ALA B 66 -5.68 -6.66 -3.52
N THR B 67 -5.26 -5.65 -2.76
CA THR B 67 -4.69 -5.90 -1.45
C THR B 67 -5.75 -6.53 -0.53
N LEU B 68 -6.96 -5.96 -0.52
CA LEU B 68 -7.97 -6.41 0.42
C LEU B 68 -8.39 -7.84 0.07
N ILE B 69 -8.48 -8.15 -1.23
CA ILE B 69 -8.96 -9.51 -1.61
C ILE B 69 -7.89 -10.50 -1.16
N GLY B 70 -6.63 -10.12 -1.34
CA GLY B 70 -5.53 -10.96 -0.89
C GLY B 70 -5.67 -11.20 0.61
N LEU B 71 -5.85 -10.15 1.39
CA LEU B 71 -6.06 -10.35 2.81
C LEU B 71 -7.25 -11.28 3.14
N CYS B 72 -8.41 -11.09 2.50
CA CYS B 72 -9.54 -11.94 2.80
C CYS B 72 -9.23 -13.41 2.47
N LEU B 73 -8.57 -13.68 1.35
CA LEU B 73 -8.22 -15.08 1.00
C LEU B 73 -7.36 -15.71 2.07
N ARG B 74 -6.37 -14.98 2.57
CA ARG B 74 -5.50 -15.52 3.64
CA ARG B 74 -5.51 -15.53 3.62
C ARG B 74 -6.25 -15.77 4.94
N VAL B 75 -7.04 -14.78 5.37
CA VAL B 75 -7.77 -14.90 6.63
C VAL B 75 -8.73 -16.09 6.59
N LYS B 76 -9.49 -16.18 5.51
CA LYS B 76 -10.52 -17.20 5.40
C LYS B 76 -9.84 -18.55 5.42
N LEU B 77 -8.74 -18.68 4.68
CA LEU B 77 -8.12 -20.03 4.52
C LEU B 77 -7.36 -20.45 5.78
N GLN B 78 -6.73 -19.48 6.42
CA GLN B 78 -6.00 -19.73 7.69
C GLN B 78 -6.96 -20.26 8.75
N ARG B 79 -8.14 -19.66 8.81
CA ARG B 79 -9.14 -20.06 9.77
C ARG B 79 -9.76 -21.42 9.41
N CYS B 80 -10.08 -21.61 8.13
CA CYS B 80 -10.96 -22.74 7.72
C CYS B 80 -10.32 -23.94 7.04
N LEU B 81 -9.09 -23.82 6.57
CA LEU B 81 -8.50 -24.95 5.83
C LEU B 81 -8.07 -26.01 6.83
N PRO B 82 -8.55 -27.25 6.65
CA PRO B 82 -8.20 -28.33 7.58
C PRO B 82 -6.91 -29.11 7.23
N PHE B 83 -5.94 -28.48 6.57
CA PHE B 83 -4.59 -29.02 6.47
C PHE B 83 -3.56 -27.87 6.53
N LYS B 84 -2.34 -28.20 6.94
CA LYS B 84 -1.25 -27.24 6.97
C LYS B 84 -0.91 -26.82 5.53
N HIS B 85 -0.68 -25.53 5.32
CA HIS B 85 -0.47 -24.98 3.98
C HIS B 85 0.34 -23.69 3.94
N LYS B 86 1.15 -23.54 2.90
CA LYS B 86 1.59 -22.21 2.47
C LYS B 86 0.58 -21.66 1.43
N LEU B 87 0.37 -20.34 1.41
CA LEU B 87 -0.52 -19.73 0.40
C LEU B 87 0.25 -18.76 -0.46
N GLU B 88 0.10 -18.89 -1.76
CA GLU B 88 0.56 -17.84 -2.70
C GLU B 88 -0.62 -17.31 -3.56
N ILE B 89 -0.73 -16.00 -3.76
CA ILE B 89 -1.89 -15.44 -4.45
CA ILE B 89 -1.88 -15.51 -4.51
C ILE B 89 -1.39 -14.60 -5.62
N TYR B 90 -2.02 -14.72 -6.78
CA TYR B 90 -1.59 -13.90 -7.92
C TYR B 90 -2.73 -13.25 -8.69
N ILE B 91 -2.57 -11.95 -8.98
CA ILE B 91 -3.51 -11.30 -9.88
CA ILE B 91 -3.48 -11.23 -9.84
C ILE B 91 -2.91 -11.27 -11.25
N SER B 92 -3.77 -11.23 -12.26
CA SER B 92 -3.38 -11.37 -13.64
C SER B 92 -3.14 -10.07 -14.39
N GLU B 93 -2.88 -8.97 -13.66
CA GLU B 93 -2.80 -7.67 -14.34
C GLU B 93 -2.20 -6.71 -13.34
N GLY B 94 -1.66 -5.61 -13.86
CA GLY B 94 -1.25 -4.48 -13.02
C GLY B 94 -2.50 -3.79 -12.51
N THR B 95 -2.31 -2.94 -11.50
CA THR B 95 -3.41 -2.21 -10.91
C THR B 95 -3.06 -0.73 -10.84
N HIS B 96 -4.05 0.11 -10.55
CA HIS B 96 -3.80 1.53 -10.44
C HIS B 96 -4.61 2.14 -9.30
N SER B 97 -4.18 3.35 -8.89
CA SER B 97 -4.88 4.20 -7.95
C SER B 97 -5.09 5.54 -8.66
N THR B 98 -6.31 6.03 -8.69
CA THR B 98 -6.59 7.37 -9.27
C THR B 98 -5.85 8.47 -8.48
N GLU B 99 -5.67 9.64 -9.10
CA GLU B 99 -5.03 10.78 -8.37
C GLU B 99 -5.68 10.96 -7.01
N GLU B 100 -6.99 11.00 -7.03
CA GLU B 100 -7.75 11.16 -5.83
C GLU B 100 -7.43 10.06 -4.82
N ASP B 101 -7.35 8.81 -5.27
CA ASP B 101 -7.17 7.69 -4.34
C ASP B 101 -5.74 7.60 -3.71
N ILE B 102 -4.70 7.86 -4.49
CA ILE B 102 -3.34 7.82 -4.01
C ILE B 102 -3.12 9.00 -3.04
N ASN B 103 -3.69 10.17 -3.32
CA ASN B 103 -3.53 11.26 -2.36
C ASN B 103 -4.22 10.95 -1.08
N LYS B 104 -5.41 10.34 -1.18
CA LYS B 104 -6.01 9.84 0.06
C LYS B 104 -5.04 8.96 0.82
N GLN B 105 -4.43 7.96 0.16
N GLN B 105 -4.41 7.99 0.15
CA GLN B 105 -3.53 7.01 0.83
CA GLN B 105 -3.55 7.02 0.84
C GLN B 105 -2.30 7.63 1.51
C GLN B 105 -2.28 7.58 1.46
N ILE B 106 -1.65 8.59 0.85
CA ILE B 106 -0.40 9.10 1.36
C ILE B 106 -0.66 10.13 2.44
N ASN B 107 -1.91 10.51 2.61
CA ASN B 107 -2.28 11.40 3.73
C ASN B 107 -3.11 10.68 4.82
N ASP B 108 -3.60 9.48 4.55
CA ASP B 108 -4.46 8.77 5.52
C ASP B 108 -3.59 8.32 6.70
N LYS B 109 -3.93 8.76 7.91
CA LYS B 109 -3.06 8.49 9.07
C LYS B 109 -2.86 6.99 9.37
N GLU B 110 -3.92 6.19 9.18
CA GLU B 110 -3.84 4.75 9.40
CA GLU B 110 -3.82 4.74 9.44
C GLU B 110 -2.92 4.12 8.37
N ARG B 111 -3.06 4.54 7.12
CA ARG B 111 -2.14 4.01 6.11
C ARG B 111 -0.70 4.45 6.36
N VAL B 112 -0.46 5.72 6.74
CA VAL B 112 0.89 6.11 7.01
C VAL B 112 1.48 5.33 8.19
N ALA B 113 0.68 5.20 9.25
CA ALA B 113 1.14 4.47 10.43
C ALA B 113 1.49 3.01 10.04
N ALA B 114 0.68 2.34 9.21
CA ALA B 114 0.99 0.95 8.90
C ALA B 114 2.29 0.81 8.09
N ALA B 115 2.60 1.78 7.21
CA ALA B 115 3.80 1.63 6.41
C ALA B 115 4.98 1.90 7.32
N MET B 116 4.80 2.89 8.20
CA MET B 116 5.85 3.26 9.15
C MET B 116 6.22 2.10 10.05
N GLU B 117 5.27 1.20 10.26
CA GLU B 117 5.50 0.06 11.16
C GLU B 117 6.09 -1.11 10.42
N ASN B 118 6.08 -1.05 9.09
CA ASN B 118 6.76 -2.02 8.25
C ASN B 118 8.25 -1.81 8.33
N PRO B 119 8.97 -2.78 8.89
CA PRO B 119 10.40 -2.61 9.10
C PRO B 119 11.21 -2.44 7.82
N ASN B 120 10.77 -3.00 6.70
CA ASN B 120 11.50 -2.81 5.46
C ASN B 120 11.35 -1.37 4.96
N LEU B 121 10.12 -0.89 5.00
CA LEU B 121 9.90 0.48 4.52
C LEU B 121 10.57 1.49 5.48
N ARG B 122 10.48 1.25 6.77
CA ARG B 122 11.02 2.22 7.77
C ARG B 122 12.53 2.35 7.59
N GLU B 123 13.18 1.26 7.25
CA GLU B 123 14.64 1.27 7.01
C GLU B 123 15.03 2.02 5.71
N ILE B 124 14.25 1.87 4.67
CA ILE B 124 14.47 2.64 3.43
C ILE B 124 14.35 4.14 3.71
N VAL B 125 13.32 4.50 4.46
CA VAL B 125 13.16 5.91 4.85
C VAL B 125 14.35 6.37 5.71
N GLU B 126 14.67 5.61 6.75
CA GLU B 126 15.84 5.91 7.55
C GLU B 126 16.99 6.29 6.65
N GLN B 127 17.20 5.49 5.62
CA GLN B 127 18.34 5.70 4.75
C GLN B 127 18.15 6.82 3.73
N CYS B 128 16.91 7.27 3.49
CA CYS B 128 16.73 8.41 2.60
C CYS B 128 16.91 9.72 3.30
N VAL B 129 16.51 9.76 4.58
CA VAL B 129 16.46 11.03 5.26
C VAL B 129 17.75 11.36 6.02
N LEU B 130 18.69 10.41 6.14
CA LEU B 130 20.02 10.73 6.67
C LEU B 130 20.59 11.92 5.88
#